data_8YSU
#
_entry.id   8YSU
#
_cell.length_a   35.363
_cell.length_b   111.506
_cell.length_c   46.981
_cell.angle_alpha   90.000
_cell.angle_beta   100.415
_cell.angle_gamma   90.000
#
_symmetry.space_group_name_H-M   'P 1 21 1'
#
loop_
_entity.id
_entity.type
_entity.pdbx_description
1 polymer Nucleotidyltransferase
2 non-polymer "CYTIDINE-5'-TRIPHOSPHATE"
3 non-polymer 'MAGNESIUM ION'
4 water water
#
_entity_poly.entity_id   1
_entity_poly.type   'polypeptide(L)'
_entity_poly.pdbx_seq_one_letter_code
;MAPVQKQFREFHDRIKLAQYDENQTLRDERDAVLTAVREGLKKVFADRGEAAPTFTPFNQGSYAMNTGVKPLEGGEYDID
VGIILNIAKDDHDPVEVKKWIRDALKDYGNGAEIRRSCVTVFKPGYHVDLAVYADPELSGGTLCIAKGKENSGDEHRLWQ
ISDPQGFQDRIASKLSGDDAAQFRRCIRYLKRWRDFRFSSDGNAAPLGIGLTAAAYWWFQVSKRTDPVSQNVTYDDRDAL
EQFVQTMLDNFHDTWDSKDQRSYPRLTVELPVQPYNDVFEKMTGMQMESFKSKLQALLNALKTAKSRLELHDACKALADH
FGSEFPVPEKDKSAVHTAPAIVGSGSSG
;
_entity_poly.pdbx_strand_id   A
#
loop_
_chem_comp.id
_chem_comp.type
_chem_comp.name
_chem_comp.formula
CTP non-polymer CYTIDINE-5'-TRIPHOSPHATE 'C9 H16 N3 O14 P3'
MG non-polymer 'MAGNESIUM ION' 'Mg 2'
#
# COMPACT_ATOMS: atom_id res chain seq x y z
N MET A 1 8.37 -27.83 9.65
CA MET A 1 8.05 -27.09 8.38
C MET A 1 8.76 -27.76 7.19
N ALA A 2 8.07 -27.85 6.05
CA ALA A 2 8.61 -28.38 4.76
C ALA A 2 9.72 -27.46 4.25
N PRO A 3 10.64 -27.96 3.41
CA PRO A 3 11.82 -27.17 3.01
C PRO A 3 11.49 -25.78 2.44
N VAL A 4 10.64 -25.72 1.43
CA VAL A 4 10.36 -24.43 0.72
C VAL A 4 9.63 -23.47 1.68
N GLN A 5 8.69 -23.99 2.48
CA GLN A 5 7.98 -23.19 3.51
C GLN A 5 9.00 -22.49 4.41
N LYS A 6 10.08 -23.19 4.77
CA LYS A 6 11.15 -22.65 5.65
C LYS A 6 11.79 -21.43 4.98
N GLN A 7 12.02 -21.52 3.67
CA GLN A 7 12.71 -20.47 2.89
C GLN A 7 11.77 -19.26 2.77
N PHE A 8 10.47 -19.50 2.55
CA PHE A 8 9.48 -18.41 2.46
C PHE A 8 9.35 -17.71 3.81
N ARG A 9 9.30 -18.46 4.91
CA ARG A 9 9.24 -17.85 6.26
C ARG A 9 10.52 -17.05 6.52
N GLU A 10 11.70 -17.50 6.08
CA GLU A 10 12.96 -16.70 6.25
C GLU A 10 12.86 -15.42 5.41
N PHE A 11 12.44 -15.55 4.16
CA PHE A 11 12.25 -14.38 3.27
C PHE A 11 11.37 -13.38 4.00
N HIS A 12 10.21 -13.85 4.49
CA HIS A 12 9.23 -12.96 5.16
C HIS A 12 9.93 -12.21 6.27
N ASP A 13 10.75 -12.91 7.06
CA ASP A 13 11.53 -12.34 8.19
C ASP A 13 12.47 -11.24 7.71
N ARG A 14 13.03 -11.38 6.52
CA ARG A 14 14.00 -10.41 5.97
C ARG A 14 13.26 -9.15 5.47
N ILE A 15 12.06 -9.29 4.89
CA ILE A 15 11.39 -8.16 4.19
C ILE A 15 10.39 -7.47 5.13
N LYS A 16 9.99 -8.10 6.25
CA LYS A 16 8.89 -7.53 7.05
C LYS A 16 9.37 -6.29 7.79
N LEU A 17 8.49 -5.30 7.96
CA LEU A 17 8.77 -4.08 8.74
C LEU A 17 7.76 -4.00 9.88
N ALA A 18 8.22 -3.81 11.12
CA ALA A 18 7.33 -3.72 12.30
C ALA A 18 6.28 -2.63 12.05
N GLN A 19 5.04 -2.92 12.38
CA GLN A 19 3.88 -1.98 12.27
C GLN A 19 4.04 -0.86 13.32
N TYR A 20 3.30 0.24 13.19
CA TYR A 20 3.37 1.44 14.08
C TYR A 20 3.45 0.99 15.55
N ASP A 21 2.51 0.16 16.00
CA ASP A 21 2.38 -0.33 17.40
C ASP A 21 3.63 -1.08 17.87
N GLU A 22 4.51 -1.53 16.97
CA GLU A 22 5.68 -2.34 17.34
C GLU A 22 6.97 -1.65 16.89
N ASN A 23 6.94 -0.37 16.51
CA ASN A 23 8.10 0.27 15.83
C ASN A 23 8.38 1.68 16.38
N GLN A 24 9.24 1.80 17.38
CA GLN A 24 9.49 3.09 18.06
C GLN A 24 9.81 4.15 17.00
N THR A 25 10.63 3.76 16.04
CA THR A 25 11.23 4.66 15.02
C THR A 25 10.10 5.29 14.20
N LEU A 26 9.17 4.48 13.69
CA LEU A 26 8.11 4.99 12.79
C LEU A 26 7.27 6.03 13.52
N ARG A 27 6.89 5.72 14.76
CA ARG A 27 6.08 6.58 15.68
C ARG A 27 6.81 7.91 15.91
N ASP A 28 8.09 7.85 16.28
CA ASP A 28 8.93 9.04 16.53
C ASP A 28 9.07 9.87 15.25
N GLU A 29 9.25 9.24 14.09
CA GLU A 29 9.41 9.99 12.83
C GLU A 29 8.03 10.57 12.46
N ARG A 30 6.99 9.78 12.64
CA ARG A 30 5.60 10.24 12.41
C ARG A 30 5.33 11.46 13.32
N ASP A 31 5.64 11.34 14.61
CA ASP A 31 5.33 12.37 15.64
C ASP A 31 6.12 13.66 15.37
N ALA A 32 7.35 13.54 14.87
CA ALA A 32 8.23 14.68 14.51
C ALA A 32 7.46 15.53 13.51
N VAL A 33 6.89 14.89 12.49
CA VAL A 33 6.11 15.57 11.41
C VAL A 33 4.84 16.19 12.01
N LEU A 34 4.12 15.47 12.85
CA LEU A 34 2.80 15.94 13.37
C LEU A 34 3.02 17.21 14.21
N THR A 35 4.13 17.24 14.95
CA THR A 35 4.53 18.41 15.77
C THR A 35 4.84 19.60 14.86
N ALA A 36 5.67 19.38 13.84
CA ALA A 36 6.07 20.41 12.87
C ALA A 36 4.81 20.91 12.14
N VAL A 37 3.74 20.11 12.07
CA VAL A 37 2.46 20.62 11.53
C VAL A 37 1.82 21.56 12.57
N ARG A 38 1.71 21.15 13.83
CA ARG A 38 1.09 21.98 14.90
C ARG A 38 1.85 23.31 14.99
N GLU A 39 3.16 23.24 15.19
CA GLU A 39 4.07 24.43 15.22
C GLU A 39 3.80 25.30 13.98
N GLY A 40 3.74 24.70 12.81
CA GLY A 40 3.67 25.43 11.53
C GLY A 40 2.34 26.14 11.36
N LEU A 41 1.26 25.54 11.85
CA LEU A 41 -0.11 26.11 11.71
C LEU A 41 -0.22 27.37 12.58
N LYS A 42 0.36 27.36 13.77
CA LYS A 42 0.43 28.55 14.66
C LYS A 42 1.03 29.71 13.86
N LYS A 43 2.20 29.51 13.25
CA LYS A 43 2.95 30.54 12.48
C LYS A 43 2.07 31.02 11.32
N VAL A 44 1.49 30.08 10.57
CA VAL A 44 0.69 30.39 9.35
C VAL A 44 -0.51 31.24 9.75
N PHE A 45 -1.30 30.76 10.71
CA PHE A 45 -2.61 31.37 11.05
C PHE A 45 -2.38 32.69 11.82
N ALA A 46 -1.38 32.78 12.70
CA ALA A 46 -1.05 34.03 13.44
C ALA A 46 -0.66 35.10 12.42
N ASP A 47 0.13 34.71 11.42
CA ASP A 47 0.44 35.51 10.22
C ASP A 47 -0.85 36.09 9.62
N ARG A 48 -1.93 35.31 9.62
CA ARG A 48 -3.23 35.72 9.03
C ARG A 48 -4.13 36.31 10.10
N GLY A 49 -3.63 36.52 11.33
CA GLY A 49 -4.45 37.00 12.46
C GLY A 49 -5.72 36.21 12.69
N GLU A 50 -5.65 34.87 12.65
CA GLU A 50 -6.75 33.97 13.11
C GLU A 50 -6.15 32.92 14.04
N ALA A 51 -6.99 32.15 14.74
CA ALA A 51 -6.55 30.95 15.48
C ALA A 51 -6.30 29.81 14.48
N ALA A 52 -5.30 28.98 14.79
CA ALA A 52 -4.96 27.76 14.02
C ALA A 52 -6.08 26.75 14.16
N PRO A 53 -6.47 26.03 13.09
CA PRO A 53 -7.35 24.87 13.23
C PRO A 53 -6.56 23.77 13.95
N THR A 54 -7.28 22.90 14.65
CA THR A 54 -6.71 21.74 15.35
C THR A 54 -6.94 20.50 14.47
N PHE A 55 -6.33 19.39 14.82
CA PHE A 55 -6.48 18.15 14.05
C PHE A 55 -6.24 16.96 14.95
N THR A 56 -6.92 15.87 14.61
CA THR A 56 -6.72 14.53 15.18
C THR A 56 -5.95 13.70 14.15
N PRO A 57 -4.75 13.18 14.48
CA PRO A 57 -4.06 12.26 13.59
C PRO A 57 -4.52 10.82 13.82
N PHE A 58 -4.38 9.97 12.81
CA PHE A 58 -4.65 8.53 12.92
C PHE A 58 -3.72 7.80 11.96
N ASN A 59 -3.23 6.65 12.40
CA ASN A 59 -2.37 5.77 11.57
C ASN A 59 -3.15 5.29 10.34
N GLN A 60 -2.48 5.26 9.20
CA GLN A 60 -3.01 4.78 7.90
C GLN A 60 -1.99 3.86 7.24
N GLY A 61 -2.44 3.21 6.17
CA GLY A 61 -1.56 2.40 5.31
C GLY A 61 -0.97 1.20 6.01
N SER A 62 -0.01 0.63 5.33
CA SER A 62 0.50 -0.73 5.59
C SER A 62 1.15 -0.75 6.97
N TYR A 63 1.63 0.42 7.42
CA TYR A 63 2.26 0.53 8.77
C TYR A 63 1.16 0.41 9.84
N ALA A 64 -0.08 0.75 9.50
CA ALA A 64 -1.22 0.63 10.43
C ALA A 64 -1.84 -0.77 10.32
N MET A 65 -1.59 -1.47 9.23
CA MET A 65 -2.31 -2.72 8.87
C MET A 65 -1.39 -3.93 9.05
N ASN A 66 -0.13 -3.70 9.43
CA ASN A 66 0.87 -4.78 9.59
C ASN A 66 1.09 -5.49 8.24
N THR A 67 1.20 -4.73 7.16
CA THR A 67 1.55 -5.28 5.84
C THR A 67 2.70 -4.47 5.25
N GLY A 68 3.52 -3.85 6.10
CA GLY A 68 4.68 -3.05 5.69
C GLY A 68 5.88 -3.90 5.35
N VAL A 69 6.67 -3.47 4.36
CA VAL A 69 7.98 -4.11 4.08
C VAL A 69 9.05 -3.04 4.06
N LYS A 70 10.28 -3.49 4.30
CA LYS A 70 11.52 -2.69 4.19
C LYS A 70 11.75 -2.39 2.71
N PRO A 71 12.12 -1.15 2.35
CA PRO A 71 12.52 -0.82 0.99
C PRO A 71 13.80 -1.54 0.60
N LEU A 72 14.05 -1.73 -0.68
CA LEU A 72 15.39 -2.14 -1.17
C LEU A 72 16.32 -0.93 -1.10
N GLU A 73 17.64 -1.16 -1.12
CA GLU A 73 18.67 -0.09 -1.04
C GLU A 73 18.28 0.99 -2.06
N GLY A 74 18.18 2.25 -1.63
CA GLY A 74 17.84 3.37 -2.51
C GLY A 74 16.36 3.73 -2.50
N GLY A 75 15.48 2.84 -2.00
CA GLY A 75 14.06 3.14 -1.77
C GLY A 75 13.84 3.92 -0.48
N GLU A 76 12.62 4.37 -0.24
CA GLU A 76 12.22 5.16 0.97
C GLU A 76 11.13 4.44 1.75
N TYR A 77 11.07 4.63 3.08
CA TYR A 77 9.91 4.25 3.93
C TYR A 77 8.73 5.13 3.55
N ASP A 78 7.52 4.58 3.58
CA ASP A 78 6.29 5.29 3.18
C ASP A 78 5.38 5.41 4.40
N ILE A 79 5.58 6.46 5.22
CA ILE A 79 4.88 6.67 6.52
C ILE A 79 3.55 7.36 6.25
N ASP A 80 2.43 6.62 6.34
CA ASP A 80 1.08 7.14 6.02
C ASP A 80 0.35 7.49 7.32
N VAL A 81 -0.24 8.66 7.33
CA VAL A 81 -0.95 9.22 8.51
C VAL A 81 -2.10 10.08 8.00
N GLY A 82 -3.28 9.98 8.61
CA GLY A 82 -4.43 10.84 8.33
C GLY A 82 -4.47 11.97 9.33
N ILE A 83 -4.87 13.17 8.90
CA ILE A 83 -5.17 14.28 9.84
C ILE A 83 -6.57 14.83 9.56
N ILE A 84 -7.39 14.81 10.61
CA ILE A 84 -8.78 15.33 10.60
C ILE A 84 -8.76 16.73 11.21
N LEU A 85 -8.81 17.75 10.34
CA LEU A 85 -8.75 19.17 10.73
C LEU A 85 -10.13 19.51 11.29
N ASN A 86 -10.16 20.40 12.27
CA ASN A 86 -11.40 20.79 12.96
C ASN A 86 -12.11 21.88 12.14
N ILE A 87 -12.53 21.56 10.89
CA ILE A 87 -13.14 22.49 9.89
C ILE A 87 -14.36 21.82 9.25
N ALA A 88 -15.24 22.63 8.65
CA ALA A 88 -16.39 22.19 7.82
C ALA A 88 -15.95 22.22 6.37
N LYS A 89 -16.06 21.11 5.67
CA LYS A 89 -15.54 20.97 4.29
C LYS A 89 -16.22 22.03 3.41
N ASP A 90 -17.46 22.40 3.70
CA ASP A 90 -18.22 23.32 2.80
C ASP A 90 -17.75 24.77 3.01
N ASP A 91 -17.04 25.07 4.11
CA ASP A 91 -16.45 26.42 4.36
C ASP A 91 -15.13 26.59 3.62
N HIS A 92 -14.52 25.52 3.07
CA HIS A 92 -13.11 25.57 2.59
C HIS A 92 -12.91 24.77 1.31
N ASP A 93 -12.06 25.30 0.42
CA ASP A 93 -11.49 24.61 -0.76
C ASP A 93 -10.50 23.56 -0.27
N PRO A 94 -10.52 22.33 -0.83
CA PRO A 94 -9.66 21.25 -0.34
C PRO A 94 -8.16 21.52 -0.57
N VAL A 95 -7.82 22.15 -1.70
CA VAL A 95 -6.41 22.43 -2.06
C VAL A 95 -5.91 23.57 -1.16
N GLU A 96 -6.82 24.49 -0.80
CA GLU A 96 -6.45 25.61 0.09
C GLU A 96 -6.06 24.99 1.42
N VAL A 97 -6.82 23.99 1.86
CA VAL A 97 -6.53 23.32 3.17
C VAL A 97 -5.18 22.60 3.07
N LYS A 98 -4.90 21.89 1.97
CA LYS A 98 -3.58 21.21 1.83
C LYS A 98 -2.45 22.25 1.76
N LYS A 99 -2.72 23.45 1.23
CA LYS A 99 -1.74 24.57 1.21
C LYS A 99 -1.34 24.96 2.63
N TRP A 100 -2.28 24.98 3.59
CA TRP A 100 -1.97 25.29 5.03
C TRP A 100 -0.89 24.36 5.53
N ILE A 101 -1.08 23.07 5.23
CA ILE A 101 -0.21 21.96 5.71
C ILE A 101 1.14 22.13 5.04
N ARG A 102 1.13 22.30 3.72
CA ARG A 102 2.39 22.56 2.97
C ARG A 102 3.12 23.75 3.62
N ASP A 103 2.44 24.89 3.80
CA ASP A 103 3.07 26.14 4.32
C ASP A 103 3.66 25.86 5.70
N ALA A 104 2.97 25.08 6.54
CA ALA A 104 3.38 24.77 7.93
C ALA A 104 4.67 23.95 7.95
N LEU A 105 4.88 23.11 6.93
CA LEU A 105 6.05 22.20 6.84
C LEU A 105 7.11 22.77 5.89
N LYS A 106 7.06 24.07 5.62
CA LYS A 106 7.89 24.70 4.56
C LYS A 106 9.36 24.32 4.80
N ASP A 107 9.86 24.63 6.00
CA ASP A 107 11.32 24.59 6.33
C ASP A 107 11.71 23.21 6.84
N TYR A 108 10.74 22.36 7.17
CA TYR A 108 10.98 21.05 7.82
C TYR A 108 11.51 20.08 6.76
N GLY A 109 12.40 19.19 7.19
CA GLY A 109 13.05 18.16 6.35
C GLY A 109 13.47 18.73 5.01
N ASN A 110 13.22 18.00 3.93
CA ASN A 110 13.68 18.32 2.55
C ASN A 110 12.51 18.94 1.76
N GLY A 111 11.63 19.70 2.43
CA GLY A 111 10.48 20.41 1.81
C GLY A 111 9.25 19.52 1.72
N ALA A 112 8.11 20.14 1.35
CA ALA A 112 6.76 19.52 1.32
C ALA A 112 6.14 19.75 -0.06
N GLU A 113 5.25 18.86 -0.45
CA GLU A 113 4.67 18.80 -1.81
C GLU A 113 3.19 18.45 -1.70
N ILE A 114 2.32 19.22 -2.33
CA ILE A 114 0.89 18.89 -2.43
C ILE A 114 0.73 17.87 -3.56
N ARG A 115 0.36 16.65 -3.19
CA ARG A 115 -0.02 15.59 -4.15
C ARG A 115 -1.54 15.59 -4.23
N ARG A 116 -2.08 14.80 -5.14
CA ARG A 116 -3.53 14.79 -5.45
C ARG A 116 -4.31 14.42 -4.18
N SER A 117 -3.75 13.55 -3.35
CA SER A 117 -4.48 12.82 -2.28
C SER A 117 -3.76 12.99 -0.93
N CYS A 118 -2.74 13.81 -0.87
CA CYS A 118 -1.99 14.03 0.39
C CYS A 118 -1.01 15.19 0.22
N VAL A 119 -0.45 15.62 1.35
CA VAL A 119 0.79 16.43 1.45
C VAL A 119 1.92 15.50 1.95
N THR A 120 2.99 15.40 1.17
CA THR A 120 4.14 14.53 1.44
C THR A 120 5.29 15.41 1.88
N VAL A 121 5.90 15.08 3.01
CA VAL A 121 7.12 15.75 3.53
C VAL A 121 8.26 14.73 3.47
N PHE A 122 9.45 15.17 3.04
CA PHE A 122 10.60 14.30 2.72
C PHE A 122 11.66 14.37 3.84
N LYS A 123 12.24 13.21 4.12
CA LYS A 123 13.40 13.03 5.03
C LYS A 123 14.36 12.07 4.35
N PRO A 124 15.65 12.04 4.74
CA PRO A 124 16.58 11.05 4.20
C PRO A 124 16.07 9.65 4.59
N GLY A 125 15.66 8.88 3.59
CA GLY A 125 15.32 7.45 3.70
C GLY A 125 13.83 7.20 3.85
N TYR A 126 13.00 8.24 3.98
CA TYR A 126 11.54 8.09 4.16
C TYR A 126 10.80 9.37 3.80
N HIS A 127 9.51 9.23 3.50
CA HIS A 127 8.54 10.35 3.31
C HIS A 127 7.29 10.07 4.16
N VAL A 128 6.71 11.11 4.74
CA VAL A 128 5.37 11.00 5.39
C VAL A 128 4.33 11.57 4.43
N ASP A 129 3.31 10.77 4.10
CA ASP A 129 2.12 11.16 3.30
C ASP A 129 1.00 11.52 4.28
N LEU A 130 0.68 12.80 4.38
CA LEU A 130 -0.43 13.30 5.23
C LEU A 130 -1.71 13.39 4.38
N ALA A 131 -2.63 12.45 4.59
CA ALA A 131 -4.02 12.51 4.08
C ALA A 131 -4.76 13.54 4.92
N VAL A 132 -5.39 14.51 4.26
CA VAL A 132 -6.00 15.68 4.95
C VAL A 132 -7.51 15.61 4.82
N TYR A 133 -8.19 15.61 5.96
CA TYR A 133 -9.65 15.40 6.05
C TYR A 133 -10.30 16.58 6.76
N ALA A 134 -11.57 16.82 6.43
CA ALA A 134 -12.48 17.71 7.19
C ALA A 134 -13.13 16.93 8.33
N ASP A 135 -13.59 17.66 9.35
CA ASP A 135 -14.32 17.11 10.52
C ASP A 135 -15.68 16.57 10.05
N PRO A 136 -15.97 15.26 10.21
CA PRO A 136 -17.27 14.72 9.82
C PRO A 136 -18.44 15.34 10.60
N GLU A 137 -18.21 15.66 11.87
CA GLU A 137 -19.16 16.37 12.78
C GLU A 137 -19.55 17.71 12.15
N LEU A 138 -18.63 18.40 11.47
CA LEU A 138 -18.90 19.74 10.88
C LEU A 138 -19.26 19.59 9.40
N SER A 139 -19.17 18.38 8.84
CA SER A 139 -19.22 18.15 7.37
C SER A 139 -20.36 17.21 6.98
N GLY A 140 -21.27 16.88 7.92
CA GLY A 140 -22.50 16.09 7.65
C GLY A 140 -22.34 14.60 7.96
N GLY A 141 -21.43 14.23 8.86
CA GLY A 141 -21.24 12.84 9.30
C GLY A 141 -20.22 12.07 8.47
N THR A 142 -20.08 12.36 7.15
CA THR A 142 -19.10 11.70 6.25
C THR A 142 -17.69 12.27 6.46
N LEU A 143 -16.69 11.38 6.43
CA LEU A 143 -15.24 11.68 6.44
C LEU A 143 -14.74 11.83 5.00
N CYS A 144 -14.31 13.04 4.63
CA CYS A 144 -13.92 13.40 3.24
C CYS A 144 -12.44 13.85 3.20
N ILE A 145 -11.73 13.34 2.21
CA ILE A 145 -10.28 13.59 1.99
C ILE A 145 -10.17 14.76 1.00
N ALA A 146 -9.15 15.60 1.14
CA ALA A 146 -8.88 16.77 0.28
C ALA A 146 -8.22 16.29 -1.02
N LYS A 147 -8.98 16.18 -2.12
CA LYS A 147 -8.45 15.82 -3.48
C LYS A 147 -8.22 17.09 -4.29
N GLY A 148 -7.09 17.12 -5.00
CA GLY A 148 -6.71 18.17 -5.97
C GLY A 148 -5.27 18.62 -5.80
N LYS A 149 -4.65 19.05 -6.91
CA LYS A 149 -3.31 19.70 -6.94
C LYS A 149 -3.52 21.21 -7.15
N GLU A 150 -2.50 22.02 -6.82
CA GLU A 150 -2.49 23.47 -7.09
C GLU A 150 -2.80 23.65 -8.58
N ASN A 151 -1.96 23.07 -9.42
CA ASN A 151 -2.16 22.95 -10.89
C ASN A 151 -3.19 21.82 -11.12
N SER A 152 -4.47 22.13 -10.87
CA SER A 152 -5.66 21.27 -11.16
C SER A 152 -6.94 22.12 -11.16
N GLY A 153 -7.83 21.88 -12.13
CA GLY A 153 -9.06 22.67 -12.37
C GLY A 153 -10.13 22.41 -11.33
N ASP A 154 -11.18 23.23 -11.33
CA ASP A 154 -12.30 23.19 -10.34
C ASP A 154 -12.85 21.76 -10.20
N GLU A 155 -13.07 21.07 -11.32
CA GLU A 155 -13.68 19.72 -11.35
C GLU A 155 -12.80 18.74 -10.55
N HIS A 156 -11.48 18.98 -10.50
CA HIS A 156 -10.50 18.03 -9.90
C HIS A 156 -10.07 18.48 -8.51
N ARG A 157 -10.69 19.52 -7.95
CA ARG A 157 -10.53 19.88 -6.51
C ARG A 157 -11.86 19.63 -5.80
N LEU A 158 -11.92 18.53 -5.04
CA LEU A 158 -13.15 18.06 -4.36
C LEU A 158 -12.79 17.45 -3.00
N TRP A 159 -13.79 17.37 -2.12
CA TRP A 159 -13.81 16.59 -0.87
C TRP A 159 -14.48 15.24 -1.15
N GLN A 160 -13.71 14.16 -1.21
CA GLN A 160 -14.26 12.85 -1.62
C GLN A 160 -14.47 11.99 -0.37
N ILE A 161 -15.63 11.35 -0.31
CA ILE A 161 -15.97 10.33 0.72
C ILE A 161 -14.83 9.31 0.80
N SER A 162 -14.32 9.09 2.01
CA SER A 162 -13.14 8.25 2.32
C SER A 162 -13.48 7.33 3.51
N ASP A 163 -12.85 6.15 3.60
CA ASP A 163 -13.11 5.20 4.71
C ASP A 163 -11.82 4.42 4.94
N PRO A 164 -10.70 5.11 5.21
CA PRO A 164 -9.45 4.42 5.51
C PRO A 164 -9.57 3.45 6.70
N GLN A 165 -10.30 3.84 7.75
CA GLN A 165 -10.40 2.97 8.95
C GLN A 165 -11.27 1.75 8.59
N GLY A 166 -12.28 1.95 7.74
CA GLY A 166 -13.11 0.84 7.26
C GLY A 166 -12.24 -0.17 6.51
N PHE A 167 -11.32 0.34 5.69
CA PHE A 167 -10.39 -0.49 4.89
C PHE A 167 -9.46 -1.27 5.86
N GLN A 168 -8.91 -0.58 6.85
CA GLN A 168 -7.98 -1.16 7.83
C GLN A 168 -8.71 -2.29 8.56
N ASP A 169 -9.95 -2.04 9.00
CA ASP A 169 -10.83 -3.05 9.64
C ASP A 169 -11.05 -4.26 8.70
N ARG A 170 -11.33 -4.01 7.43
CA ARG A 170 -11.59 -5.06 6.42
C ARG A 170 -10.34 -5.94 6.26
N ILE A 171 -9.14 -5.35 6.21
CA ILE A 171 -7.87 -6.12 6.05
C ILE A 171 -7.55 -6.91 7.34
N ALA A 172 -7.83 -6.35 8.53
CA ALA A 172 -7.54 -6.94 9.86
C ALA A 172 -8.51 -8.10 10.11
N SER A 173 -9.73 -8.01 9.56
CA SER A 173 -10.90 -8.83 9.99
C SER A 173 -11.16 -9.99 9.05
N LYS A 174 -10.59 -10.00 7.83
CA LYS A 174 -10.91 -11.02 6.79
C LYS A 174 -10.59 -12.42 7.33
N LEU A 175 -9.48 -12.58 8.02
CA LEU A 175 -9.07 -13.87 8.62
C LEU A 175 -8.64 -13.64 10.05
N SER A 176 -8.20 -14.69 10.74
CA SER A 176 -7.67 -14.63 12.12
C SER A 176 -6.41 -15.49 12.28
N GLY A 177 -5.60 -15.17 13.28
CA GLY A 177 -4.49 -16.03 13.73
C GLY A 177 -3.55 -16.35 12.61
N ASP A 178 -3.17 -17.60 12.48
CA ASP A 178 -2.12 -18.04 11.51
C ASP A 178 -2.67 -17.92 10.08
N ASP A 179 -3.97 -17.98 9.90
CA ASP A 179 -4.55 -17.76 8.54
C ASP A 179 -4.25 -16.32 8.12
N ALA A 180 -4.54 -15.36 8.99
CA ALA A 180 -4.32 -13.93 8.75
C ALA A 180 -2.82 -13.63 8.64
N ALA A 181 -1.97 -14.31 9.42
CA ALA A 181 -0.51 -14.21 9.24
C ALA A 181 -0.13 -14.58 7.80
N GLN A 182 -0.63 -15.70 7.27
CA GLN A 182 -0.24 -16.16 5.90
C GLN A 182 -0.70 -15.09 4.90
N PHE A 183 -1.92 -14.58 5.05
CA PHE A 183 -2.48 -13.46 4.22
C PHE A 183 -1.50 -12.29 4.21
N ARG A 184 -1.10 -11.79 5.39
CA ARG A 184 -0.14 -10.67 5.53
C ARG A 184 1.21 -11.07 4.91
N ARG A 185 1.74 -12.26 5.19
CA ARG A 185 3.02 -12.71 4.55
C ARG A 185 2.89 -12.59 3.04
N CYS A 186 1.77 -13.04 2.47
CA CYS A 186 1.63 -13.09 0.98
C CYS A 186 1.52 -11.69 0.37
N ILE A 187 0.88 -10.75 1.07
CA ILE A 187 0.82 -9.33 0.65
C ILE A 187 2.26 -8.76 0.62
N ARG A 188 3.05 -9.08 1.63
CA ARG A 188 4.46 -8.62 1.72
C ARG A 188 5.27 -9.24 0.57
N TYR A 189 5.11 -10.52 0.30
CA TYR A 189 5.85 -11.19 -0.80
C TYR A 189 5.65 -10.40 -2.08
N LEU A 190 4.40 -10.07 -2.39
CA LEU A 190 4.08 -9.39 -3.66
C LEU A 190 4.59 -7.93 -3.63
N LYS A 191 4.71 -7.27 -2.46
CA LYS A 191 5.25 -5.89 -2.38
C LYS A 191 6.73 -5.88 -2.70
N ARG A 192 7.47 -6.88 -2.23
CA ARG A 192 8.91 -6.98 -2.56
C ARG A 192 9.04 -7.34 -4.05
N TRP A 193 8.16 -8.20 -4.56
CA TRP A 193 8.11 -8.54 -6.00
C TRP A 193 7.88 -7.24 -6.78
N ARG A 194 6.98 -6.39 -6.31
CA ARG A 194 6.68 -5.10 -6.97
C ARG A 194 7.97 -4.25 -7.00
N ASP A 195 8.64 -4.13 -5.86
CA ASP A 195 9.87 -3.32 -5.68
C ASP A 195 11.02 -3.86 -6.55
N PHE A 196 11.18 -5.18 -6.62
CA PHE A 196 12.26 -5.84 -7.40
C PHE A 196 12.04 -5.69 -8.90
N ARG A 197 10.83 -5.91 -9.40
CA ARG A 197 10.59 -6.08 -10.87
C ARG A 197 9.90 -4.84 -11.47
N PHE A 198 9.54 -3.83 -10.68
CA PHE A 198 8.88 -2.59 -11.19
C PHE A 198 9.62 -1.33 -10.75
N SER A 199 9.33 -0.21 -11.40
CA SER A 199 10.00 1.12 -11.22
C SER A 199 9.31 1.85 -10.08
N SER A 200 10.09 2.44 -9.17
CA SER A 200 9.60 3.27 -8.04
C SER A 200 8.97 4.55 -8.60
N ASP A 201 7.95 5.08 -7.91
CA ASP A 201 7.21 6.30 -8.31
C ASP A 201 6.96 6.25 -9.82
N GLY A 202 6.75 5.05 -10.37
CA GLY A 202 6.15 4.81 -11.68
C GLY A 202 4.75 4.28 -11.48
N ASN A 203 3.76 4.85 -12.20
CA ASN A 203 2.37 4.33 -12.22
C ASN A 203 2.41 2.88 -12.69
N ALA A 204 3.44 2.52 -13.49
CA ALA A 204 3.71 1.16 -14.02
C ALA A 204 3.71 0.17 -12.86
N ALA A 205 4.29 0.59 -11.72
CA ALA A 205 4.35 -0.15 -10.43
C ALA A 205 2.94 -0.40 -9.89
N PRO A 206 2.47 -1.68 -9.81
CA PRO A 206 1.18 -2.03 -9.23
C PRO A 206 1.23 -1.67 -7.74
N LEU A 207 0.40 -0.73 -7.35
CA LEU A 207 0.50 -0.08 -6.05
C LEU A 207 0.27 -1.15 -4.97
N GLY A 208 0.84 -0.92 -3.79
CA GLY A 208 0.63 -1.79 -2.64
C GLY A 208 -0.85 -1.89 -2.35
N ILE A 209 -1.54 -0.75 -2.41
CA ILE A 209 -2.98 -0.66 -2.04
C ILE A 209 -3.74 -1.65 -2.92
N GLY A 210 -3.42 -1.68 -4.22
CA GLY A 210 -4.05 -2.55 -5.21
C GLY A 210 -3.82 -4.03 -4.96
N LEU A 211 -2.58 -4.42 -4.69
CA LEU A 211 -2.26 -5.82 -4.31
C LEU A 211 -2.91 -6.16 -2.98
N THR A 212 -3.07 -5.18 -2.08
CA THR A 212 -3.70 -5.41 -0.76
C THR A 212 -5.19 -5.71 -1.02
N ALA A 213 -5.84 -4.90 -1.85
CA ALA A 213 -7.28 -5.01 -2.13
C ALA A 213 -7.51 -6.30 -2.92
N ALA A 214 -6.61 -6.66 -3.84
CA ALA A 214 -6.66 -7.92 -4.63
C ALA A 214 -6.67 -9.11 -3.64
N ALA A 215 -5.82 -9.05 -2.62
CA ALA A 215 -5.69 -10.09 -1.60
C ALA A 215 -6.99 -10.18 -0.80
N TYR A 216 -7.57 -9.04 -0.46
CA TYR A 216 -8.85 -8.98 0.26
C TYR A 216 -9.89 -9.78 -0.52
N TRP A 217 -10.03 -9.52 -1.82
CA TRP A 217 -11.03 -10.22 -2.67
C TRP A 217 -10.71 -11.72 -2.85
N TRP A 218 -9.45 -12.07 -3.08
CA TRP A 218 -9.10 -13.32 -3.82
C TRP A 218 -8.14 -14.21 -3.03
N PHE A 219 -7.45 -13.69 -2.01
CA PHE A 219 -6.53 -14.54 -1.24
C PHE A 219 -7.30 -15.73 -0.70
N GLN A 220 -6.69 -16.92 -0.76
CA GLN A 220 -7.19 -18.14 -0.09
C GLN A 220 -6.03 -18.78 0.69
N VAL A 221 -6.29 -19.10 1.95
CA VAL A 221 -5.34 -19.86 2.82
C VAL A 221 -4.94 -21.15 2.11
N SER A 222 -3.69 -21.57 2.27
CA SER A 222 -3.20 -22.90 1.89
C SER A 222 -2.50 -23.48 3.11
N LYS A 223 -3.14 -24.45 3.74
CA LYS A 223 -2.62 -25.22 4.88
C LYS A 223 -3.11 -26.66 4.76
N ARG A 224 -2.47 -27.52 5.52
CA ARG A 224 -2.90 -28.93 5.68
C ARG A 224 -2.96 -29.22 7.16
N THR A 225 -4.02 -29.91 7.60
CA THR A 225 -4.21 -30.48 8.95
C THR A 225 -4.02 -32.02 8.90
N ASP A 226 -3.04 -32.55 9.63
CA ASP A 226 -2.82 -34.03 9.71
C ASP A 226 -4.07 -34.70 10.32
N PRO A 227 -4.71 -35.65 9.60
CA PRO A 227 -5.89 -36.36 10.09
C PRO A 227 -5.81 -36.85 11.55
N VAL A 228 -4.63 -37.26 12.00
CA VAL A 228 -4.43 -38.02 13.26
C VAL A 228 -3.82 -37.13 14.33
N SER A 229 -2.88 -36.23 14.00
CA SER A 229 -2.20 -35.37 15.01
C SER A 229 -2.91 -34.02 15.11
N GLN A 230 -3.70 -33.65 14.09
CA GLN A 230 -4.29 -32.29 13.87
C GLN A 230 -3.18 -31.22 13.77
N ASN A 231 -1.94 -31.62 13.49
CA ASN A 231 -0.82 -30.67 13.28
C ASN A 231 -1.10 -29.91 11.97
N VAL A 232 -0.94 -28.59 12.01
CA VAL A 232 -1.25 -27.68 10.88
C VAL A 232 0.05 -27.21 10.24
N THR A 233 0.17 -27.32 8.91
CA THR A 233 1.33 -26.78 8.16
C THR A 233 0.85 -25.85 7.04
N TYR A 234 1.51 -24.72 6.88
CA TYR A 234 1.13 -23.71 5.86
C TYR A 234 2.03 -23.92 4.64
N ASP A 235 1.50 -23.59 3.48
CA ASP A 235 2.15 -23.73 2.16
C ASP A 235 2.01 -22.39 1.45
N ASP A 236 2.92 -21.47 1.77
CA ASP A 236 2.93 -20.08 1.25
C ASP A 236 3.14 -20.12 -0.28
N ARG A 237 3.90 -21.06 -0.80
CA ARG A 237 4.12 -21.18 -2.27
C ARG A 237 2.77 -21.49 -2.93
N ASP A 238 2.03 -22.44 -2.38
CA ASP A 238 0.75 -22.85 -2.97
C ASP A 238 -0.25 -21.68 -2.82
N ALA A 239 -0.28 -21.00 -1.66
CA ALA A 239 -1.21 -19.89 -1.41
C ALA A 239 -0.95 -18.82 -2.48
N LEU A 240 0.33 -18.58 -2.77
CA LEU A 240 0.75 -17.54 -3.73
C LEU A 240 0.40 -17.97 -5.16
N GLU A 241 0.59 -19.23 -5.52
CA GLU A 241 0.19 -19.80 -6.85
C GLU A 241 -1.33 -19.65 -7.06
N GLN A 242 -2.17 -20.05 -6.11
CA GLN A 242 -3.63 -19.86 -6.29
C GLN A 242 -3.96 -18.37 -6.42
N PHE A 243 -3.42 -17.52 -5.52
CA PHE A 243 -3.71 -16.08 -5.52
C PHE A 243 -3.29 -15.44 -6.85
N VAL A 244 -2.05 -15.67 -7.31
CA VAL A 244 -1.56 -15.05 -8.59
C VAL A 244 -2.45 -15.53 -9.75
N GLN A 245 -2.78 -16.82 -9.82
CA GLN A 245 -3.64 -17.38 -10.91
C GLN A 245 -5.03 -16.70 -10.91
N THR A 246 -5.68 -16.60 -9.75
CA THR A 246 -6.93 -15.82 -9.57
C THR A 246 -6.79 -14.39 -10.10
N MET A 247 -5.76 -13.63 -9.71
CA MET A 247 -5.56 -12.26 -10.24
C MET A 247 -5.51 -12.30 -11.76
N LEU A 248 -4.67 -13.17 -12.29
CA LEU A 248 -4.48 -13.29 -13.76
C LEU A 248 -5.84 -13.60 -14.38
N ASP A 249 -6.63 -14.47 -13.73
CA ASP A 249 -7.93 -14.90 -14.28
C ASP A 249 -8.86 -13.69 -14.32
N ASN A 250 -8.62 -12.67 -13.49
CA ASN A 250 -9.57 -11.54 -13.40
C ASN A 250 -9.21 -10.42 -14.38
N PHE A 251 -8.06 -10.48 -15.07
CA PHE A 251 -7.78 -9.54 -16.19
C PHE A 251 -8.81 -9.77 -17.31
N HIS A 252 -9.22 -8.70 -17.98
CA HIS A 252 -10.16 -8.74 -19.13
C HIS A 252 -9.56 -7.92 -20.28
N ASP A 253 -9.52 -8.49 -21.48
CA ASP A 253 -9.03 -7.80 -22.69
C ASP A 253 -10.01 -6.71 -23.05
N THR A 254 -9.55 -5.47 -23.01
CA THR A 254 -10.37 -4.25 -23.09
C THR A 254 -9.94 -3.46 -24.31
N TRP A 255 -10.83 -3.36 -25.31
CA TRP A 255 -10.58 -2.59 -26.55
C TRP A 255 -10.30 -1.14 -26.20
N ASP A 256 -9.26 -0.57 -26.79
CA ASP A 256 -9.00 0.88 -26.73
C ASP A 256 -9.30 1.47 -28.10
N SER A 257 -10.35 2.29 -28.25
CA SER A 257 -10.76 2.89 -29.55
C SER A 257 -9.64 3.83 -30.05
N LYS A 258 -8.97 4.59 -29.18
CA LYS A 258 -7.85 5.50 -29.59
C LYS A 258 -6.74 4.67 -30.25
N ASP A 259 -6.25 3.60 -29.63
CA ASP A 259 -5.08 2.84 -30.15
C ASP A 259 -5.51 1.76 -31.16
N GLN A 260 -6.81 1.47 -31.31
CA GLN A 260 -7.33 0.41 -32.20
C GLN A 260 -6.67 -0.92 -31.82
N ARG A 261 -6.61 -1.22 -30.51
CA ARG A 261 -6.22 -2.56 -30.05
C ARG A 261 -6.78 -2.85 -28.66
N SER A 262 -6.53 -4.05 -28.15
CA SER A 262 -6.92 -4.49 -26.79
C SER A 262 -5.71 -4.45 -25.86
N TYR A 263 -5.96 -4.08 -24.62
CA TYR A 263 -5.03 -4.25 -23.49
C TYR A 263 -5.71 -5.09 -22.43
N PRO A 264 -4.98 -5.96 -21.73
CA PRO A 264 -5.54 -6.73 -20.63
C PRO A 264 -5.68 -5.74 -19.49
N ARG A 265 -6.81 -5.73 -18.83
CA ARG A 265 -7.03 -4.80 -17.69
C ARG A 265 -7.55 -5.58 -16.50
N LEU A 266 -6.91 -5.37 -15.36
CA LEU A 266 -7.36 -5.90 -14.05
C LEU A 266 -7.99 -4.75 -13.28
N THR A 267 -9.27 -4.89 -12.91
CA THR A 267 -10.04 -3.92 -12.10
C THR A 267 -10.10 -4.44 -10.67
N VAL A 268 -9.76 -3.62 -9.68
CA VAL A 268 -9.81 -4.04 -8.26
C VAL A 268 -10.44 -2.89 -7.51
N GLU A 269 -11.72 -3.03 -7.20
CA GLU A 269 -12.47 -2.05 -6.42
C GLU A 269 -11.98 -2.07 -4.97
N LEU A 270 -11.76 -0.91 -4.38
CA LEU A 270 -11.69 -0.77 -2.90
C LEU A 270 -12.99 -1.35 -2.38
N PRO A 271 -12.99 -2.18 -1.30
CA PRO A 271 -14.25 -2.71 -0.73
C PRO A 271 -15.00 -1.82 0.27
N VAL A 272 -14.54 -0.57 0.45
CA VAL A 272 -15.20 0.51 1.24
C VAL A 272 -15.23 1.74 0.33
N GLN A 273 -15.89 2.81 0.78
CA GLN A 273 -15.99 4.12 0.06
C GLN A 273 -14.59 4.64 -0.26
N PRO A 274 -14.30 5.23 -1.44
CA PRO A 274 -15.29 5.46 -2.50
C PRO A 274 -15.54 4.34 -3.54
N TYR A 275 -15.13 3.09 -3.25
CA TYR A 275 -15.32 1.89 -4.11
C TYR A 275 -14.68 2.09 -5.50
N ASN A 276 -13.59 2.84 -5.61
CA ASN A 276 -12.98 3.10 -6.94
C ASN A 276 -12.11 1.91 -7.37
N ASP A 277 -11.95 1.73 -8.67
CA ASP A 277 -10.90 0.85 -9.25
C ASP A 277 -9.51 1.40 -8.87
N VAL A 278 -8.86 0.78 -7.90
CA VAL A 278 -7.54 1.21 -7.37
C VAL A 278 -6.47 1.19 -8.48
N PHE A 279 -6.67 0.47 -9.58
CA PHE A 279 -5.67 0.34 -10.69
C PHE A 279 -6.03 1.22 -11.89
N GLU A 280 -7.03 2.10 -11.74
CA GLU A 280 -7.63 2.89 -12.86
C GLU A 280 -6.58 3.81 -13.51
N LYS A 281 -5.56 4.27 -12.78
CA LYS A 281 -4.55 5.20 -13.35
C LYS A 281 -3.48 4.44 -14.15
N MET A 282 -3.43 3.11 -14.12
CA MET A 282 -2.43 2.34 -14.90
C MET A 282 -2.86 2.34 -16.36
N THR A 283 -1.95 2.66 -17.29
CA THR A 283 -2.24 2.61 -18.75
C THR A 283 -2.43 1.15 -19.21
N GLY A 284 -2.97 1.00 -20.42
CA GLY A 284 -3.07 -0.31 -21.09
C GLY A 284 -1.71 -0.98 -21.20
N MET A 285 -0.67 -0.25 -21.58
CA MET A 285 0.68 -0.86 -21.77
C MET A 285 1.23 -1.27 -20.39
N GLN A 286 0.92 -0.51 -19.35
CA GLN A 286 1.46 -0.81 -18.00
C GLN A 286 0.73 -2.05 -17.50
N MET A 287 -0.57 -2.11 -17.77
CA MET A 287 -1.38 -3.32 -17.51
C MET A 287 -0.83 -4.53 -18.28
N GLU A 288 -0.40 -4.36 -19.53
CA GLU A 288 0.15 -5.49 -20.34
C GLU A 288 1.42 -6.03 -19.68
N SER A 289 2.30 -5.14 -19.26
CA SER A 289 3.59 -5.55 -18.65
C SER A 289 3.32 -6.18 -17.28
N PHE A 290 2.38 -5.65 -16.52
CA PHE A 290 1.96 -6.16 -15.19
C PHE A 290 1.58 -7.62 -15.34
N LYS A 291 0.66 -7.89 -16.27
CA LYS A 291 0.13 -9.26 -16.52
C LYS A 291 1.28 -10.21 -16.89
N SER A 292 2.23 -9.77 -17.73
CA SER A 292 3.32 -10.63 -18.22
C SER A 292 4.24 -11.00 -17.06
N LYS A 293 4.58 -10.04 -16.20
CA LYS A 293 5.44 -10.36 -15.02
C LYS A 293 4.66 -11.22 -14.04
N LEU A 294 3.36 -10.92 -13.83
CA LEU A 294 2.46 -11.73 -12.95
C LEU A 294 2.48 -13.19 -13.47
N GLN A 295 2.35 -13.37 -14.78
CA GLN A 295 2.42 -14.71 -15.41
C GLN A 295 3.81 -15.33 -15.21
N ALA A 296 4.90 -14.59 -15.37
CA ALA A 296 6.24 -15.18 -15.21
C ALA A 296 6.39 -15.59 -13.75
N LEU A 297 5.78 -14.85 -12.82
CA LEU A 297 5.89 -15.19 -11.37
C LEU A 297 5.08 -16.46 -11.09
N LEU A 298 3.84 -16.55 -11.57
CA LEU A 298 3.06 -17.81 -11.60
C LEU A 298 3.94 -18.96 -12.12
N ASN A 299 4.58 -18.77 -13.29
CA ASN A 299 5.36 -19.86 -13.96
C ASN A 299 6.49 -20.29 -13.03
N ALA A 300 7.14 -19.32 -12.36
CA ALA A 300 8.18 -19.57 -11.32
C ALA A 300 7.61 -20.40 -10.16
N LEU A 301 6.45 -20.05 -9.64
CA LEU A 301 5.89 -20.74 -8.43
C LEU A 301 5.60 -22.22 -8.73
N LYS A 302 5.13 -22.50 -9.93
CA LYS A 302 4.87 -23.86 -10.43
C LYS A 302 6.21 -24.56 -10.63
N THR A 303 7.22 -23.90 -11.18
CA THR A 303 8.54 -24.53 -11.49
C THR A 303 9.15 -24.91 -10.15
N ALA A 304 9.06 -24.00 -9.18
CA ALA A 304 9.64 -24.17 -7.84
C ALA A 304 9.16 -25.51 -7.28
N LYS A 305 7.87 -25.81 -7.44
CA LYS A 305 7.19 -27.00 -6.89
C LYS A 305 7.86 -28.28 -7.40
N SER A 306 8.23 -28.30 -8.67
CA SER A 306 8.60 -29.55 -9.38
C SER A 306 10.13 -29.73 -9.39
N ARG A 307 10.91 -28.78 -8.84
CA ARG A 307 12.39 -28.91 -8.77
C ARG A 307 12.75 -29.97 -7.74
N LEU A 308 13.74 -30.82 -8.03
CA LEU A 308 14.22 -31.92 -7.17
C LEU A 308 15.16 -31.38 -6.10
N GLU A 309 15.90 -30.35 -6.47
CA GLU A 309 16.91 -29.67 -5.65
C GLU A 309 16.26 -28.42 -5.04
N LEU A 310 16.33 -28.27 -3.71
CA LEU A 310 15.96 -27.01 -3.02
C LEU A 310 16.67 -25.81 -3.66
N HIS A 311 17.96 -25.92 -3.98
CA HIS A 311 18.73 -24.83 -4.64
C HIS A 311 18.00 -24.31 -5.89
N ASP A 312 17.63 -25.19 -6.83
CA ASP A 312 16.98 -24.78 -8.11
C ASP A 312 15.60 -24.17 -7.80
N ALA A 313 14.88 -24.69 -6.81
CA ALA A 313 13.51 -24.21 -6.48
C ALA A 313 13.62 -22.75 -5.99
N CYS A 314 14.63 -22.49 -5.18
CA CYS A 314 14.83 -21.19 -4.49
C CYS A 314 15.38 -20.18 -5.50
N LYS A 315 16.24 -20.65 -6.40
CA LYS A 315 16.80 -19.80 -7.47
C LYS A 315 15.66 -19.28 -8.34
N ALA A 316 14.74 -20.14 -8.75
CA ALA A 316 13.56 -19.82 -9.59
C ALA A 316 12.70 -18.74 -8.93
N LEU A 317 12.52 -18.81 -7.61
CA LEU A 317 11.75 -17.78 -6.85
C LEU A 317 12.58 -16.49 -6.69
N ALA A 318 13.85 -16.58 -6.41
CA ALA A 318 14.74 -15.41 -6.22
C ALA A 318 14.82 -14.66 -7.54
N ASP A 319 14.63 -15.32 -8.67
CA ASP A 319 14.61 -14.59 -9.98
C ASP A 319 13.48 -13.54 -9.97
N HIS A 320 12.45 -13.74 -9.13
CA HIS A 320 11.22 -12.89 -9.07
C HIS A 320 11.20 -12.03 -7.82
N PHE A 321 11.73 -12.53 -6.69
CA PHE A 321 11.56 -11.94 -5.33
C PHE A 321 12.81 -11.14 -4.96
N GLY A 322 13.91 -11.37 -5.67
CA GLY A 322 15.18 -10.62 -5.51
C GLY A 322 16.19 -11.31 -4.60
N SER A 323 17.31 -10.65 -4.33
CA SER A 323 18.52 -11.25 -3.69
C SER A 323 18.31 -11.58 -2.19
N GLU A 324 17.18 -11.22 -1.58
CA GLU A 324 16.94 -11.57 -0.15
C GLU A 324 16.16 -12.89 -0.06
N PHE A 325 15.62 -13.41 -1.15
CA PHE A 325 15.04 -14.76 -1.12
C PHE A 325 16.21 -15.72 -0.94
N PRO A 326 16.23 -16.55 0.13
CA PRO A 326 17.37 -17.40 0.41
C PRO A 326 17.49 -18.54 -0.60
N VAL A 327 18.73 -18.72 -1.07
CA VAL A 327 19.11 -19.77 -2.03
C VAL A 327 20.21 -20.62 -1.36
N PRO A 328 19.87 -21.83 -0.86
CA PRO A 328 20.88 -22.75 -0.31
C PRO A 328 21.77 -23.33 -1.42
N GLU A 329 23.05 -23.59 -1.14
CA GLU A 329 23.97 -24.23 -2.13
C GLU A 329 23.45 -25.64 -2.49
N LYS A 330 23.73 -26.09 -3.72
CA LYS A 330 23.45 -27.50 -4.19
C LYS A 330 24.56 -28.43 -3.71
N1 CTP B . -5.75 4.74 -0.28
C2 CTP B . -6.99 4.60 -0.92
N3 CTP B . -7.04 4.56 -2.28
C4 CTP B . -5.92 4.68 -3.00
C5 CTP B . -4.64 4.83 -2.37
C6 CTP B . -4.61 4.86 -1.03
O2 CTP B . -8.02 4.50 -0.23
N4 CTP B . -6.03 4.63 -4.33
C1' CTP B . -5.70 4.75 1.22
C2' CTP B . -5.77 3.35 1.84
O2' CTP B . -6.38 3.34 3.12
C3' CTP B . -4.27 3.00 1.92
C4' CTP B . -3.68 4.35 2.36
O4' CTP B . -4.48 5.33 1.64
O3' CTP B . -3.95 1.97 2.84
C5' CTP B . -2.21 4.53 2.06
O5' CTP B . -1.96 4.22 0.65
PA CTP B . -0.54 3.66 0.15
O1A CTP B . -0.49 3.75 -1.35
O2A CTP B . 0.57 4.28 0.97
O3A CTP B . -0.69 2.08 0.49
PB CTP B . -0.30 0.99 1.60
O1B CTP B . -1.52 0.13 1.83
O2B CTP B . 0.35 1.68 2.76
O3B CTP B . 0.80 0.12 0.83
PG CTP B . 2.40 0.21 0.72
O1G CTP B . 2.96 -0.59 1.87
O2G CTP B . 2.70 1.71 0.85
O3G CTP B . 2.84 -0.38 -0.64
N1 CTP C . -3.54 8.58 -0.32
C2 CTP C . -4.32 8.50 0.84
N3 CTP C . -5.67 8.30 0.73
C4 CTP C . -6.24 8.20 -0.49
C5 CTP C . -5.46 8.28 -1.68
C6 CTP C . -4.13 8.48 -1.55
O2 CTP C . -3.77 8.60 1.95
N4 CTP C . -7.55 8.00 -0.55
C1' CTP C . -2.06 8.81 -0.19
C2' CTP C . -1.28 7.55 0.23
O2' CTP C . -0.35 7.84 1.25
C3' CTP C . -0.57 7.09 -1.06
C4' CTP C . -0.77 8.22 -2.08
O4' CTP C . -1.57 9.24 -1.43
O3' CTP C . 0.81 6.86 -0.77
C5' CTP C . -1.40 7.81 -3.41
O5' CTP C . -1.66 8.99 -4.28
PA CTP C . -2.35 8.87 -5.74
O1A CTP C . -1.98 7.55 -6.35
O2A CTP C . -3.80 9.18 -5.62
O3A CTP C . -1.64 10.05 -6.61
PB CTP C . -1.81 10.75 -8.06
O1B CTP C . -3.27 10.84 -8.38
O2B CTP C . -0.89 10.12 -9.04
O3B CTP C . -1.28 12.24 -7.76
PG CTP C . -0.06 13.16 -8.32
O1G CTP C . -0.16 14.47 -7.58
O2G CTP C . 1.22 12.43 -8.01
O3G CTP C . -0.31 13.28 -9.81
MG MG D . 1.80 2.99 2.33
MG MG E . 1.91 6.41 0.97
#